data_2A54
#
_entry.id   2A54
#
_cell.length_a   76.539
_cell.length_b   125.946
_cell.length_c   93.919
_cell.angle_alpha   90.00
_cell.angle_beta   90.00
_cell.angle_gamma   90.00
#
_symmetry.space_group_name_H-M   'C 2 2 21'
#
loop_
_entity.id
_entity.type
_entity.pdbx_description
1 polymer 'GFP-like non-fluorescent chromoprotein FP595 chain 1'
2 polymer 'GFP-like non-fluorescent chromoprotein FP595 chain 2'
3 non-polymer 'CHLORIDE ION'
4 water water
#
loop_
_entity_poly.entity_id
_entity_poly.type
_entity_poly.pdbx_seq_one_letter_code
_entity_poly.pdbx_strand_id
1 'polypeptide(L)' MRGSHHHHHHGSASFLKKTMPFKTTIEGTVNGHYFKCTGKGEGNPFEGTQEMKIEVIEGGPLPFAFHILSTSC A,C
2 'polypeptide(L)'
;(NRQ)SKTFIKYVSGIPDYFKQSFPEGFTWERTTTYEDGGFLTAHQDTSLDGDCLVYKVKILGNNFPADGPVMQNKAGRW
EPSTEIVYEVDGVLRGQSLMALKCPGGRHLTCHLHTTYRSKKPASALKMPGFHFEDHRIEIMEEVEKGKCYKQYEAAVGR
YCDAAPSKLGHN
;
B,D
#
loop_
_chem_comp.id
_chem_comp.type
_chem_comp.name
_chem_comp.formula
CL non-polymer 'CHLORIDE ION' 'Cl -1'
#
# COMPACT_ATOMS: atom_id res chain seq x y z
N HIS A 10 12.08 -33.79 -17.02
CA HIS A 10 13.54 -33.50 -16.78
C HIS A 10 14.32 -34.76 -16.43
N GLY A 11 13.63 -35.89 -16.35
CA GLY A 11 14.26 -37.20 -16.13
C GLY A 11 14.53 -37.51 -14.67
N SER A 12 15.39 -36.71 -14.05
CA SER A 12 15.70 -36.86 -12.62
C SER A 12 16.28 -35.56 -12.06
N ALA A 13 16.37 -35.49 -10.72
CA ALA A 13 16.90 -34.30 -10.04
C ALA A 13 18.32 -33.88 -10.43
N SER A 14 19.13 -34.82 -10.94
CA SER A 14 20.50 -34.49 -11.37
C SER A 14 20.56 -33.45 -12.51
N PHE A 15 19.42 -33.21 -13.15
CA PHE A 15 19.34 -32.29 -14.28
C PHE A 15 18.70 -30.94 -13.96
N LEU A 16 18.34 -30.78 -12.69
CA LEU A 16 17.78 -29.52 -12.16
C LEU A 16 18.86 -28.70 -11.50
N LYS A 17 18.77 -27.38 -11.63
CA LYS A 17 19.66 -26.49 -10.88
C LYS A 17 19.41 -26.68 -9.39
N LYS A 18 20.48 -26.96 -8.66
CA LYS A 18 20.38 -27.21 -7.24
C LYS A 18 20.16 -25.93 -6.46
N THR A 19 20.94 -24.90 -6.76
CA THR A 19 20.79 -23.59 -6.14
C THR A 19 20.72 -22.46 -7.16
N MET A 20 20.10 -21.35 -6.75
CA MET A 20 20.01 -20.16 -7.59
C MET A 20 20.22 -18.95 -6.68
N PRO A 21 21.11 -18.02 -7.08
CA PRO A 21 21.31 -16.81 -6.26
C PRO A 21 20.25 -15.76 -6.56
N PHE A 22 20.13 -14.78 -5.67
CA PHE A 22 19.29 -13.63 -5.92
C PHE A 22 19.84 -12.36 -5.27
N LYS A 23 19.39 -11.24 -5.78
CA LYS A 23 19.77 -9.92 -5.29
C LYS A 23 18.50 -9.12 -5.20
N THR A 24 18.45 -8.19 -4.24
N THR A 24 18.43 -8.23 -4.21
CA THR A 24 17.26 -7.41 -3.95
CA THR A 24 17.28 -7.38 -4.03
C THR A 24 17.60 -5.95 -3.66
C THR A 24 17.66 -5.93 -3.76
N THR A 25 16.73 -5.03 -4.10
CA THR A 25 16.78 -3.61 -3.70
C THR A 25 15.39 -3.27 -3.19
N ILE A 26 15.33 -2.64 -2.02
CA ILE A 26 14.09 -2.32 -1.33
C ILE A 26 14.10 -0.85 -0.98
N GLU A 27 13.04 -0.14 -1.32
CA GLU A 27 12.95 1.28 -1.00
C GLU A 27 11.55 1.56 -0.54
N GLY A 28 11.43 2.36 0.51
CA GLY A 28 10.10 2.67 1.00
C GLY A 28 10.05 3.67 2.11
N THR A 29 8.84 3.84 2.61
N THR A 29 8.83 3.95 2.52
CA THR A 29 8.55 4.76 3.69
CA THR A 29 8.57 4.74 3.72
C THR A 29 7.49 4.12 4.59
C THR A 29 7.61 3.94 4.57
N VAL A 30 7.79 4.03 5.89
CA VAL A 30 6.86 3.44 6.86
C VAL A 30 6.64 4.49 7.95
N ASN A 31 5.38 4.91 8.13
CA ASN A 31 5.09 5.95 9.14
C ASN A 31 5.98 7.19 8.96
N GLY A 32 6.20 7.55 7.70
CA GLY A 32 6.95 8.75 7.35
C GLY A 32 8.46 8.57 7.32
N HIS A 33 8.94 7.40 7.73
CA HIS A 33 10.37 7.13 7.72
C HIS A 33 10.86 6.46 6.43
N TYR A 34 11.72 7.17 5.71
CA TYR A 34 12.31 6.66 4.49
C TYR A 34 13.50 5.72 4.74
N PHE A 35 13.59 4.67 3.94
CA PHE A 35 14.72 3.76 4.03
C PHE A 35 14.97 3.09 2.69
N LYS A 36 16.21 2.63 2.52
CA LYS A 36 16.58 1.84 1.36
C LYS A 36 17.44 0.69 1.84
N CYS A 37 17.21 -0.48 1.26
CA CYS A 37 18.01 -1.66 1.56
C CYS A 37 18.50 -2.33 0.30
N THR A 38 19.60 -3.06 0.46
CA THR A 38 20.04 -4.01 -0.54
C THR A 38 20.15 -5.38 0.12
N GLY A 39 20.09 -6.42 -0.69
CA GLY A 39 20.19 -7.77 -0.15
C GLY A 39 20.73 -8.76 -1.15
N LYS A 40 21.27 -9.85 -0.63
CA LYS A 40 21.83 -10.89 -1.46
C LYS A 40 21.55 -12.22 -0.79
N GLY A 41 21.28 -13.23 -1.60
CA GLY A 41 20.94 -14.53 -1.05
C GLY A 41 21.06 -15.66 -2.04
N GLU A 42 20.73 -16.86 -1.56
CA GLU A 42 20.73 -18.04 -2.39
C GLU A 42 19.68 -18.99 -1.86
N GLY A 43 19.10 -19.78 -2.76
CA GLY A 43 18.14 -20.79 -2.33
C GLY A 43 18.16 -22.03 -3.20
N ASN A 44 17.35 -23.02 -2.82
CA ASN A 44 17.22 -24.27 -3.55
C ASN A 44 15.82 -24.28 -4.16
N PRO A 45 15.70 -24.03 -5.46
CA PRO A 45 14.36 -23.84 -6.06
C PRO A 45 13.36 -24.95 -5.82
N PHE A 46 13.79 -26.20 -5.95
CA PHE A 46 12.89 -27.34 -5.82
C PHE A 46 12.72 -27.87 -4.39
N GLU A 47 13.69 -27.61 -3.53
CA GLU A 47 13.56 -27.97 -2.10
C GLU A 47 12.80 -26.91 -1.33
N GLY A 48 12.69 -25.71 -1.91
CA GLY A 48 11.85 -24.64 -1.35
C GLY A 48 12.47 -23.97 -0.14
N THR A 49 13.79 -23.87 -0.10
CA THR A 49 14.50 -23.26 1.04
C THR A 49 15.41 -22.16 0.55
N GLN A 50 15.66 -21.12 1.37
CA GLN A 50 16.50 -20.00 0.94
C GLN A 50 16.93 -19.19 2.13
N GLU A 51 18.00 -18.43 1.96
CA GLU A 51 18.42 -17.48 2.97
C GLU A 51 19.01 -16.23 2.33
N MET A 52 18.82 -15.08 2.97
CA MET A 52 19.40 -13.88 2.43
C MET A 52 19.88 -12.98 3.54
N LYS A 53 20.80 -12.10 3.17
CA LYS A 53 21.27 -11.05 4.04
C LYS A 53 20.78 -9.71 3.52
N ILE A 54 20.14 -8.92 4.39
CA ILE A 54 19.62 -7.61 4.03
C ILE A 54 20.43 -6.54 4.77
N GLU A 55 20.89 -5.53 4.04
CA GLU A 55 21.58 -4.39 4.65
C GLU A 55 20.79 -3.11 4.43
N VAL A 56 20.57 -2.38 5.51
CA VAL A 56 19.96 -1.05 5.41
C VAL A 56 21.03 -0.06 5.00
N ILE A 57 20.89 0.58 3.84
CA ILE A 57 21.89 1.52 3.33
C ILE A 57 21.51 3.00 3.43
N GLU A 58 20.22 3.28 3.55
CA GLU A 58 19.75 4.61 3.94
C GLU A 58 18.63 4.48 4.96
N GLY A 59 18.58 5.40 5.92
CA GLY A 59 17.50 5.40 6.92
C GLY A 59 17.71 4.47 8.11
N GLY A 60 18.90 3.93 8.26
CA GLY A 60 19.20 3.07 9.40
C GLY A 60 19.78 3.87 10.56
N PRO A 61 19.65 3.35 11.80
CA PRO A 61 18.97 2.09 12.10
C PRO A 61 17.44 2.25 11.98
N LEU A 62 16.76 1.19 11.54
CA LEU A 62 15.32 1.27 11.32
C LEU A 62 14.61 1.58 12.63
N PRO A 63 13.69 2.56 12.60
CA PRO A 63 12.91 2.91 13.79
C PRO A 63 11.64 2.08 14.00
N PHE A 64 11.57 0.96 13.29
CA PHE A 64 10.47 0.01 13.42
C PHE A 64 10.98 -1.40 13.25
N ALA A 65 10.17 -2.36 13.67
CA ALA A 65 10.55 -3.77 13.61
C ALA A 65 10.76 -4.23 12.18
N PHE A 66 11.91 -4.86 11.89
CA PHE A 66 12.20 -5.38 10.55
C PHE A 66 11.12 -6.34 10.04
N HIS A 67 10.48 -7.03 10.98
CA HIS A 67 9.50 -8.09 10.69
C HIS A 67 8.44 -7.67 9.70
N ILE A 68 8.02 -6.40 9.73
CA ILE A 68 7.01 -5.98 8.76
C ILE A 68 7.50 -5.97 7.30
N LEU A 69 8.82 -6.12 7.12
CA LEU A 69 9.42 -6.19 5.78
C LEU A 69 9.73 -7.63 5.35
N SER A 70 9.53 -8.61 6.24
CA SER A 70 9.96 -9.96 5.94
C SER A 70 9.35 -10.52 4.65
N THR A 71 8.04 -10.36 4.45
CA THR A 71 7.40 -10.93 3.26
C THR A 71 7.69 -10.14 1.96
N SER A 72 8.43 -9.03 2.06
CA SER A 72 8.76 -8.24 0.87
C SER A 72 10.20 -8.38 0.36
N CYS A 73 11.05 -9.02 1.16
CA CYS A 73 12.51 -9.08 0.90
C CYS A 73 12.91 -9.69 -0.45
N1 NRQ B 1 10.56 -12.50 0.59
N1 NRQ B 1 11.02 -12.34 -0.16
CE NRQ B 1 13.96 -15.15 2.44
CE NRQ B 1 14.35 -13.76 2.44
SD NRQ B 1 12.80 -13.94 1.87
SD NRQ B 1 13.30 -15.13 2.77
CG1 NRQ B 1 11.32 -14.77 2.36
CG1 NRQ B 1 12.00 -14.85 1.61
CB1 NRQ B 1 10.10 -13.85 2.57
CB1 NRQ B 1 11.23 -13.55 1.93
CA1 NRQ B 1 9.69 -13.26 1.25
CA1 NRQ B 1 10.40 -13.08 0.76
C1 NRQ B 1 8.33 -13.49 0.70
C1 NRQ B 1 8.95 -13.40 0.72
N2 NRQ B 1 7.33 -14.24 1.29
N2 NRQ B 1 8.29 -14.13 1.66
OH NRQ B 1 1.84 -16.12 4.89
OH NRQ B 1 0.56 -15.01 2.38
CD2 NRQ B 1 4.80 -15.27 3.05
CD2 NRQ B 1 3.86 -14.77 1.02
CE2 NRQ B 1 3.98 -15.61 4.14
CE2 NRQ B 1 2.46 -14.78 1.09
CZ NRQ B 1 2.61 -15.81 3.93
CZ NRQ B 1 1.83 -15.03 2.30
CE1 NRQ B 1 2.04 -15.66 2.66
CE1 NRQ B 1 2.58 -15.26 3.45
CD1 NRQ B 1 2.86 -15.33 1.58
CD1 NRQ B 1 3.98 -15.25 3.38
CG2 NRQ B 1 4.22 -15.13 1.78
CG2 NRQ B 1 4.62 -15.00 2.17
CB2 NRQ B 1 4.98 -14.80 0.55
CB2 NRQ B 1 6.10 -15.00 2.16
CA2 NRQ B 1 6.31 -14.17 0.42
CA2 NRQ B 1 7.02 -14.22 1.28
C2 NRQ B 1 6.69 -13.40 -0.64
C2 NRQ B 1 6.93 -13.54 0.07
O2 NRQ B 1 5.98 -13.13 -1.69
O2 NRQ B 1 5.90 -13.38 -0.65
N3 NRQ B 1 7.93 -13.01 -0.51
N3 NRQ B 1 8.10 -13.04 -0.29
CA3 NRQ B 1 8.61 -12.12 -1.47
CA3 NRQ B 1 8.36 -12.24 -1.51
C3 NRQ B 1 9.57 -12.81 -2.37
C3 NRQ B 1 9.30 -12.88 -2.52
O3 NRQ B 1 10.40 -12.09 -2.91
O3 NRQ B 1 9.77 -12.12 -3.37
N SER B 2 9.70 -14.13 -2.31
CA SER B 2 10.77 -14.80 -3.06
C SER B 2 10.19 -16.17 -3.44
N LYS B 3 9.13 -16.11 -4.25
CA LYS B 3 8.22 -17.24 -4.51
C LYS B 3 8.79 -18.26 -5.49
N THR B 4 9.94 -17.97 -6.07
CA THR B 4 10.63 -18.97 -6.90
C THR B 4 11.07 -20.19 -6.08
N PHE B 5 11.24 -20.01 -4.76
CA PHE B 5 11.74 -21.07 -3.90
C PHE B 5 10.61 -21.74 -3.09
N ILE B 6 9.83 -22.56 -3.78
CA ILE B 6 8.73 -23.32 -3.17
C ILE B 6 8.85 -24.78 -3.60
N LYS B 7 8.64 -25.69 -2.65
CA LYS B 7 8.52 -27.11 -2.94
C LYS B 7 7.05 -27.44 -3.15
N TYR B 8 6.67 -27.73 -4.39
CA TYR B 8 5.30 -28.13 -4.69
C TYR B 8 5.13 -29.63 -4.70
N VAL B 9 4.14 -30.12 -3.96
CA VAL B 9 3.86 -31.56 -3.88
C VAL B 9 2.53 -31.88 -4.54
N SER B 10 2.22 -33.18 -4.65
CA SER B 10 0.93 -33.63 -5.15
C SER B 10 0.61 -33.15 -6.56
N GLY B 11 1.67 -32.86 -7.34
CA GLY B 11 1.49 -32.46 -8.73
C GLY B 11 0.93 -31.05 -8.96
N ILE B 12 0.92 -30.21 -7.92
CA ILE B 12 0.39 -28.87 -8.06
C ILE B 12 1.31 -28.07 -9.00
N PRO B 13 0.74 -27.51 -10.09
CA PRO B 13 1.57 -26.70 -10.99
C PRO B 13 2.21 -25.49 -10.30
N ASP B 14 3.36 -25.10 -10.78
CA ASP B 14 4.21 -24.07 -10.18
C ASP B 14 4.16 -22.81 -11.04
N TYR B 15 3.28 -21.88 -10.67
CA TYR B 15 3.01 -20.70 -11.45
C TYR B 15 4.27 -19.85 -11.57
N PHE B 16 5.09 -19.85 -10.52
CA PHE B 16 6.30 -19.00 -10.48
C PHE B 16 7.41 -19.51 -11.38
N LYS B 17 7.77 -20.77 -11.24
CA LYS B 17 8.80 -21.34 -12.12
C LYS B 17 8.36 -21.34 -13.57
N GLN B 18 7.07 -21.50 -13.85
CA GLN B 18 6.61 -21.46 -15.25
C GLN B 18 6.78 -20.08 -15.88
N SER B 19 6.93 -19.04 -15.07
CA SER B 19 6.93 -17.66 -15.59
C SER B 19 8.27 -17.20 -16.21
N PHE B 20 9.30 -18.02 -16.00
CA PHE B 20 10.64 -17.70 -16.50
C PHE B 20 10.84 -18.15 -17.93
N PRO B 21 11.77 -17.50 -18.66
CA PRO B 21 12.78 -16.52 -18.20
C PRO B 21 12.31 -15.10 -17.91
N GLU B 22 11.08 -14.75 -18.29
CA GLU B 22 10.57 -13.38 -18.15
C GLU B 22 10.44 -12.97 -16.67
N GLY B 23 9.77 -13.82 -15.91
CA GLY B 23 9.55 -13.49 -14.51
C GLY B 23 8.10 -13.18 -14.18
N PHE B 24 7.91 -12.44 -13.09
CA PHE B 24 6.58 -12.18 -12.58
C PHE B 24 6.65 -10.99 -11.64
N THR B 25 5.47 -10.47 -11.30
CA THR B 25 5.35 -9.43 -10.30
C THR B 25 4.39 -9.91 -9.21
N TRP B 26 4.42 -9.20 -8.08
CA TRP B 26 3.38 -9.38 -7.08
C TRP B 26 3.11 -8.06 -6.40
N GLU B 27 1.94 -8.00 -5.80
CA GLU B 27 1.42 -6.80 -5.16
C GLU B 27 0.64 -7.27 -3.95
N ARG B 28 0.78 -6.53 -2.84
CA ARG B 28 0.20 -6.99 -1.59
C ARG B 28 -0.13 -5.83 -0.70
N THR B 29 -1.26 -5.94 0.00
CA THR B 29 -1.49 -5.13 1.20
C THR B 29 -1.70 -6.04 2.39
N THR B 30 -0.93 -5.79 3.45
CA THR B 30 -1.04 -6.51 4.73
C THR B 30 -1.70 -5.57 5.74
N THR B 31 -2.79 -6.04 6.34
N THR B 31 -2.83 -6.00 6.29
CA THR B 31 -3.57 -5.27 7.30
CA THR B 31 -3.51 -5.22 7.29
C THR B 31 -3.37 -5.84 8.70
C THR B 31 -3.23 -5.87 8.65
N TYR B 32 -2.78 -5.04 9.59
CA TYR B 32 -2.51 -5.48 10.96
C TYR B 32 -3.73 -5.23 11.86
N GLU B 33 -3.93 -6.10 12.86
CA GLU B 33 -5.15 -6.02 13.70
C GLU B 33 -5.19 -4.74 14.51
N ASP B 34 -4.03 -4.11 14.75
CA ASP B 34 -3.97 -2.84 15.53
C ASP B 34 -3.87 -1.58 14.64
N GLY B 35 -4.18 -1.76 13.36
CA GLY B 35 -4.41 -0.63 12.45
C GLY B 35 -3.33 -0.34 11.40
N GLY B 36 -2.14 -0.93 11.54
CA GLY B 36 -1.08 -0.75 10.54
C GLY B 36 -1.46 -1.31 9.18
N PHE B 37 -0.91 -0.68 8.14
CA PHE B 37 -0.99 -1.22 6.76
C PHE B 37 0.42 -1.25 6.18
N LEU B 38 0.74 -2.33 5.46
CA LEU B 38 2.02 -2.40 4.78
C LEU B 38 1.71 -2.85 3.36
N THR B 39 1.96 -1.97 2.41
CA THR B 39 1.70 -2.23 1.02
C THR B 39 3.01 -2.35 0.26
N ALA B 40 3.06 -3.29 -0.69
CA ALA B 40 4.29 -3.51 -1.45
C ALA B 40 3.98 -3.91 -2.89
N HIS B 41 4.91 -3.55 -3.78
CA HIS B 41 4.89 -4.00 -5.17
C HIS B 41 6.26 -4.57 -5.44
N GLN B 42 6.33 -5.69 -6.16
CA GLN B 42 7.64 -6.25 -6.46
C GLN B 42 7.69 -6.76 -7.88
N ASP B 43 8.86 -6.57 -8.47
CA ASP B 43 9.19 -7.16 -9.74
C ASP B 43 10.27 -8.23 -9.54
N THR B 44 10.04 -9.40 -10.14
CA THR B 44 11.03 -10.47 -10.17
C THR B 44 11.50 -10.70 -11.61
N SER B 45 12.82 -10.58 -11.81
N SER B 45 12.82 -10.60 -11.81
CA SER B 45 13.41 -10.88 -13.11
CA SER B 45 13.41 -10.87 -13.12
C SER B 45 14.52 -11.91 -12.95
C SER B 45 14.61 -11.80 -12.97
N LEU B 46 15.01 -12.41 -14.09
CA LEU B 46 16.16 -13.31 -14.11
C LEU B 46 17.21 -12.70 -15.03
N ASP B 47 18.38 -12.43 -14.46
CA ASP B 47 19.53 -11.80 -15.13
C ASP B 47 20.60 -12.86 -15.26
N GLY B 48 20.67 -13.50 -16.42
CA GLY B 48 21.55 -14.65 -16.64
C GLY B 48 21.09 -15.77 -15.71
N ASP B 49 21.89 -16.02 -14.68
CA ASP B 49 21.59 -17.06 -13.69
C ASP B 49 21.12 -16.51 -12.34
N CYS B 50 21.05 -15.18 -12.22
CA CYS B 50 20.72 -14.57 -10.92
C CYS B 50 19.35 -13.93 -10.92
N LEU B 51 18.52 -14.28 -9.94
CA LEU B 51 17.21 -13.61 -9.81
C LEU B 51 17.42 -12.19 -9.28
N VAL B 52 16.60 -11.24 -9.73
CA VAL B 52 16.73 -9.85 -9.29
C VAL B 52 15.35 -9.35 -8.87
N TYR B 53 15.31 -8.84 -7.64
CA TYR B 53 14.03 -8.35 -7.05
C TYR B 53 14.12 -6.83 -6.89
N LYS B 54 13.05 -6.15 -7.27
CA LYS B 54 12.96 -4.68 -7.07
C LYS B 54 11.68 -4.44 -6.28
N VAL B 55 11.80 -3.87 -5.08
CA VAL B 55 10.65 -3.81 -4.17
C VAL B 55 10.37 -2.34 -3.80
N LYS B 56 9.09 -1.96 -3.85
CA LYS B 56 8.61 -0.64 -3.39
C LYS B 56 7.67 -0.87 -2.20
N ILE B 57 7.84 -0.09 -1.13
CA ILE B 57 7.07 -0.28 0.11
C ILE B 57 6.46 1.05 0.59
N LEU B 58 5.20 0.98 0.98
CA LEU B 58 4.54 2.09 1.68
C LEU B 58 3.80 1.52 2.87
N GLY B 59 4.19 1.95 4.07
CA GLY B 59 3.54 1.49 5.30
C GLY B 59 3.03 2.68 6.10
N ASN B 60 1.91 2.52 6.79
CA ASN B 60 1.32 3.65 7.50
C ASN B 60 0.38 3.20 8.57
N ASN B 61 0.00 4.13 9.44
CA ASN B 61 -1.02 3.89 10.46
C ASN B 61 -0.58 2.90 11.54
N PHE B 62 0.71 2.60 11.63
CA PHE B 62 1.18 1.75 12.74
C PHE B 62 1.10 2.55 14.03
N PRO B 63 0.47 2.00 15.08
CA PRO B 63 0.34 2.79 16.33
C PRO B 63 1.69 3.02 16.99
N ALA B 64 1.93 4.22 17.50
CA ALA B 64 3.22 4.52 18.13
C ALA B 64 3.50 3.57 19.32
N ASP B 65 2.45 3.12 20.00
CA ASP B 65 2.59 2.25 21.18
C ASP B 65 2.55 0.76 20.87
N GLY B 66 2.51 0.41 19.59
CA GLY B 66 2.46 -0.98 19.20
C GLY B 66 3.80 -1.68 19.03
N PRO B 67 3.75 -3.03 18.95
CA PRO B 67 4.99 -3.79 18.84
C PRO B 67 5.89 -3.38 17.67
N VAL B 68 5.28 -2.93 16.57
CA VAL B 68 6.06 -2.64 15.37
C VAL B 68 6.87 -1.35 15.59
N MET B 69 6.21 -0.27 15.96
CA MET B 69 6.95 0.97 16.16
C MET B 69 7.83 0.99 17.39
N GLN B 70 7.50 0.15 18.37
CA GLN B 70 8.35 -0.02 19.56
C GLN B 70 9.53 -0.95 19.29
N ASN B 71 9.57 -1.57 18.11
CA ASN B 71 10.59 -2.56 17.75
C ASN B 71 10.65 -3.63 18.86
N LYS B 72 9.48 -4.20 19.16
CA LYS B 72 9.31 -5.29 20.12
C LYS B 72 8.37 -6.37 19.53
N ALA B 73 8.71 -6.85 18.34
CA ALA B 73 7.84 -7.73 17.55
C ALA B 73 7.99 -9.24 17.80
N GLY B 74 9.11 -9.64 18.39
CA GLY B 74 9.39 -11.07 18.60
C GLY B 74 9.81 -11.82 17.35
N ARG B 75 8.96 -12.74 16.92
CA ARG B 75 9.25 -13.59 15.78
C ARG B 75 7.95 -14.01 15.08
N TRP B 76 7.96 -14.27 13.78
CA TRP B 76 6.77 -14.75 13.09
C TRP B 76 6.51 -16.22 13.40
N GLU B 77 5.24 -16.53 13.67
CA GLU B 77 4.79 -17.92 13.57
C GLU B 77 4.87 -18.35 12.11
N PRO B 78 4.91 -19.68 11.86
CA PRO B 78 4.73 -20.17 10.49
C PRO B 78 3.33 -19.79 10.05
N SER B 79 3.11 -19.74 8.74
CA SER B 79 1.80 -19.34 8.26
C SER B 79 1.39 -20.17 7.04
N THR B 80 0.10 -20.12 6.72
CA THR B 80 -0.44 -20.87 5.60
C THR B 80 -1.32 -19.98 4.72
N GLU B 81 -0.89 -19.81 3.48
CA GLU B 81 -1.58 -18.98 2.50
C GLU B 81 -2.53 -19.86 1.67
N ILE B 82 -3.74 -19.39 1.42
CA ILE B 82 -4.60 -19.98 0.36
C ILE B 82 -4.33 -19.29 -0.97
N VAL B 83 -4.17 -20.09 -2.04
CA VAL B 83 -3.76 -19.57 -3.33
C VAL B 83 -4.70 -20.16 -4.35
N TYR B 84 -5.24 -19.31 -5.23
CA TYR B 84 -6.27 -19.75 -6.18
C TYR B 84 -6.37 -18.77 -7.33
N GLU B 85 -6.92 -19.22 -8.45
CA GLU B 85 -7.04 -18.39 -9.64
C GLU B 85 -8.19 -17.40 -9.54
N VAL B 86 -7.93 -16.17 -9.98
CA VAL B 86 -8.99 -15.15 -10.18
C VAL B 86 -8.59 -14.25 -11.32
N ASP B 87 -9.53 -13.91 -12.21
CA ASP B 87 -9.23 -12.92 -13.28
C ASP B 87 -8.03 -13.38 -14.15
N GLY B 88 -7.83 -14.69 -14.30
CA GLY B 88 -6.67 -15.22 -15.04
C GLY B 88 -5.27 -15.02 -14.45
N VAL B 89 -5.20 -14.68 -13.18
CA VAL B 89 -3.94 -14.53 -12.44
C VAL B 89 -4.12 -15.28 -11.11
N LEU B 90 -3.15 -15.23 -10.20
CA LEU B 90 -3.32 -15.89 -8.90
C LEU B 90 -3.55 -14.90 -7.79
N ARG B 91 -4.50 -15.22 -6.93
CA ARG B 91 -4.71 -14.49 -5.69
C ARG B 91 -4.17 -15.33 -4.55
N GLY B 92 -3.62 -14.66 -3.55
CA GLY B 92 -3.27 -15.30 -2.28
C GLY B 92 -3.85 -14.55 -1.10
N GLN B 93 -4.22 -15.27 -0.04
CA GLN B 93 -4.52 -14.63 1.24
C GLN B 93 -3.94 -15.46 2.37
N SER B 94 -3.44 -14.80 3.41
CA SER B 94 -2.97 -15.55 4.58
C SER B 94 -3.17 -14.75 5.84
N LEU B 95 -3.22 -15.45 6.96
CA LEU B 95 -3.17 -14.84 8.30
C LEU B 95 -1.79 -15.11 8.89
N MET B 96 -1.08 -14.06 9.26
CA MET B 96 0.22 -14.20 9.93
C MET B 96 0.12 -13.69 11.35
N ALA B 97 1.03 -14.12 12.20
CA ALA B 97 0.98 -13.79 13.60
C ALA B 97 2.39 -13.58 14.16
N LEU B 98 2.63 -12.42 14.75
CA LEU B 98 3.88 -12.14 15.44
C LEU B 98 3.73 -12.68 16.87
N LYS B 99 4.66 -13.53 17.29
CA LYS B 99 4.72 -13.96 18.70
C LYS B 99 5.59 -12.96 19.45
N CYS B 100 4.94 -12.09 20.22
CA CYS B 100 5.63 -10.97 20.85
C CYS B 100 6.32 -11.43 22.13
N PRO B 101 7.35 -10.69 22.58
CA PRO B 101 7.97 -11.08 23.86
C PRO B 101 6.89 -10.93 24.92
N GLY B 102 6.75 -11.92 25.78
CA GLY B 102 5.68 -11.82 26.76
C GLY B 102 4.45 -12.58 26.39
N GLY B 103 4.45 -13.18 25.19
CA GLY B 103 3.46 -14.21 24.86
C GLY B 103 2.33 -13.87 23.93
N ARG B 104 1.92 -12.60 23.89
CA ARG B 104 0.79 -12.22 23.02
C ARG B 104 1.12 -12.35 21.54
N HIS B 105 0.12 -12.71 20.73
CA HIS B 105 0.29 -12.66 19.30
C HIS B 105 -0.39 -11.43 18.73
N LEU B 106 0.28 -10.81 17.76
CA LEU B 106 -0.32 -9.72 16.99
C LEU B 106 -0.50 -10.23 15.56
N THR B 107 -1.75 -10.23 15.08
CA THR B 107 -2.03 -10.84 13.79
C THR B 107 -2.19 -9.85 12.65
N CYS B 108 -2.09 -10.36 11.41
CA CYS B 108 -2.30 -9.54 10.23
C CYS B 108 -2.82 -10.42 9.11
N HIS B 109 -3.37 -9.77 8.08
CA HIS B 109 -4.04 -10.45 6.97
C HIS B 109 -3.43 -9.93 5.69
N LEU B 110 -2.85 -10.86 4.92
CA LEU B 110 -2.17 -10.56 3.66
C LEU B 110 -3.17 -10.75 2.52
N HIS B 111 -3.20 -9.78 1.59
CA HIS B 111 -4.01 -9.85 0.37
C HIS B 111 -3.07 -9.64 -0.81
N THR B 112 -2.85 -10.68 -1.60
CA THR B 112 -1.84 -10.65 -2.66
C THR B 112 -2.42 -10.99 -4.02
N THR B 113 -1.87 -10.37 -5.06
CA THR B 113 -2.08 -10.81 -6.44
C THR B 113 -0.69 -11.07 -7.03
N TYR B 114 -0.52 -12.25 -7.66
CA TYR B 114 0.71 -12.66 -8.33
C TYR B 114 0.43 -12.63 -9.83
N ARG B 115 1.30 -11.97 -10.60
CA ARG B 115 1.06 -11.78 -12.04
C ARG B 115 2.24 -12.28 -12.86
N SER B 116 2.04 -13.40 -13.55
CA SER B 116 3.06 -13.86 -14.50
C SER B 116 3.30 -12.82 -15.60
N LYS B 117 4.55 -12.73 -16.06
CA LYS B 117 4.86 -11.98 -17.28
C LYS B 117 4.54 -12.74 -18.57
N LYS B 118 4.24 -14.04 -18.45
CA LYS B 118 3.69 -14.83 -19.56
C LYS B 118 2.18 -14.66 -19.62
N PRO B 119 1.59 -14.81 -20.82
CA PRO B 119 0.12 -14.76 -20.82
C PRO B 119 -0.45 -16.06 -20.26
N ALA B 120 -1.63 -15.99 -19.64
CA ALA B 120 -2.26 -17.16 -18.99
C ALA B 120 -2.43 -18.34 -19.93
N SER B 121 -2.53 -18.05 -21.22
CA SER B 121 -2.62 -19.09 -22.25
C SER B 121 -1.35 -19.96 -22.38
N ALA B 122 -0.22 -19.49 -21.86
CA ALA B 122 1.04 -20.22 -21.88
C ALA B 122 1.32 -20.95 -20.56
N LEU B 123 0.34 -20.91 -19.65
CA LEU B 123 0.57 -21.37 -18.25
C LEU B 123 -0.44 -22.46 -17.89
N LYS B 124 0.02 -23.46 -17.13
CA LYS B 124 -0.87 -24.40 -16.45
C LYS B 124 -1.18 -23.85 -15.06
N MET B 125 -2.43 -23.43 -14.87
CA MET B 125 -2.81 -22.78 -13.62
C MET B 125 -3.06 -23.80 -12.52
N PRO B 126 -2.53 -23.52 -11.31
CA PRO B 126 -2.85 -24.47 -10.22
C PRO B 126 -4.27 -24.28 -9.70
N GLY B 127 -4.86 -25.34 -9.18
CA GLY B 127 -6.13 -25.26 -8.49
C GLY B 127 -5.90 -24.71 -7.08
N PHE B 128 -7.00 -24.49 -6.38
CA PHE B 128 -6.97 -24.00 -5.02
C PHE B 128 -6.06 -24.89 -4.18
N HIS B 129 -5.12 -24.27 -3.45
CA HIS B 129 -4.20 -25.04 -2.60
C HIS B 129 -3.63 -24.17 -1.48
N PHE B 130 -2.79 -24.77 -0.64
CA PHE B 130 -2.14 -24.07 0.46
C PHE B 130 -0.65 -23.89 0.25
N GLU B 131 -0.10 -22.78 0.72
CA GLU B 131 1.35 -22.60 0.68
C GLU B 131 1.82 -22.24 2.10
N ASP B 132 2.47 -23.19 2.75
CA ASP B 132 3.06 -22.99 4.09
C ASP B 132 4.34 -22.17 3.96
N HIS B 133 4.54 -21.20 4.84
CA HIS B 133 5.78 -20.41 4.85
C HIS B 133 6.33 -20.37 6.28
N ARG B 134 7.58 -20.76 6.42
CA ARG B 134 8.33 -20.67 7.66
C ARG B 134 9.37 -19.59 7.45
N ILE B 135 9.26 -18.50 8.17
CA ILE B 135 10.16 -17.35 8.04
C ILE B 135 10.87 -17.12 9.38
N GLU B 136 12.20 -17.18 9.37
CA GLU B 136 12.97 -16.99 10.58
C GLU B 136 14.06 -15.94 10.39
N ILE B 137 14.02 -14.88 11.20
CA ILE B 137 15.00 -13.79 11.16
C ILE B 137 16.04 -14.28 12.14
N MET B 138 16.96 -15.11 11.59
CA MET B 138 17.90 -15.97 12.32
C MET B 138 19.02 -15.18 13.02
N GLU B 139 19.67 -14.31 12.25
CA GLU B 139 20.72 -13.47 12.78
C GLU B 139 20.24 -12.03 12.72
N GLU B 140 20.25 -11.37 13.87
CA GLU B 140 20.25 -9.92 13.88
C GLU B 140 21.69 -9.53 14.09
N VAL B 141 22.38 -9.28 12.98
CA VAL B 141 23.80 -8.96 12.97
C VAL B 141 24.02 -7.55 13.55
N GLU B 142 23.22 -6.59 13.09
CA GLU B 142 23.23 -5.22 13.63
C GLU B 142 21.81 -4.67 13.75
N LYS B 143 21.58 -3.91 14.82
CA LYS B 143 20.39 -3.05 14.98
C LYS B 143 19.06 -3.67 14.46
N GLY B 144 18.31 -3.04 13.55
CA GLY B 144 18.60 -1.73 12.99
C GLY B 144 19.08 -1.74 11.54
N LYS B 145 20.14 -2.52 11.27
CA LYS B 145 20.95 -2.33 10.06
C LYS B 145 21.30 -3.57 9.23
N CYS B 146 21.46 -4.73 9.87
CA CYS B 146 21.83 -5.95 9.14
C CYS B 146 21.08 -7.18 9.62
N TYR B 147 20.38 -7.83 8.70
CA TYR B 147 19.53 -8.93 9.06
C TYR B 147 19.76 -10.14 8.15
N LYS B 148 19.71 -11.33 8.73
CA LYS B 148 19.70 -12.58 7.96
C LYS B 148 18.31 -13.19 8.10
N GLN B 149 17.73 -13.59 6.98
CA GLN B 149 16.38 -14.19 7.01
C GLN B 149 16.35 -15.47 6.17
N TYR B 150 15.81 -16.55 6.78
CA TYR B 150 15.62 -17.85 6.16
C TYR B 150 14.13 -18.08 5.88
N GLU B 151 13.81 -18.81 4.81
CA GLU B 151 12.42 -19.23 4.55
C GLU B 151 12.43 -20.63 3.96
N ALA B 152 11.48 -21.43 4.41
CA ALA B 152 11.09 -22.70 3.78
C ALA B 152 9.62 -22.59 3.40
N ALA B 153 9.27 -23.02 2.19
CA ALA B 153 7.89 -22.93 1.70
C ALA B 153 7.49 -24.22 0.98
N VAL B 154 6.24 -24.64 1.18
CA VAL B 154 5.65 -25.89 0.59
C VAL B 154 4.26 -25.57 0.03
N GLY B 155 4.03 -25.94 -1.24
CA GLY B 155 2.68 -25.88 -1.85
C GLY B 155 2.03 -27.25 -1.82
N ARG B 156 0.86 -27.36 -1.19
CA ARG B 156 0.26 -28.65 -0.91
C ARG B 156 -1.26 -28.52 -0.80
N TYR B 157 -1.91 -29.67 -0.73
CA TYR B 157 -3.33 -29.72 -0.39
C TYR B 157 -3.51 -30.02 1.11
N CYS B 158 -4.75 -30.03 1.56
CA CYS B 158 -5.06 -30.36 2.96
C CYS B 158 -5.09 -31.88 3.12
N ASP B 159 -3.92 -32.43 3.40
CA ASP B 159 -3.77 -33.87 3.49
C ASP B 159 -4.13 -34.41 4.88
N ALA B 160 -4.06 -33.59 5.91
CA ALA B 160 -4.27 -34.12 7.27
C ALA B 160 -5.75 -34.49 7.50
N ALA B 161 -6.65 -33.81 6.79
CA ALA B 161 -8.10 -34.00 6.91
C ALA B 161 -8.64 -34.23 5.50
N PRO B 162 -8.58 -35.48 5.01
CA PRO B 162 -8.93 -35.76 3.62
C PRO B 162 -10.44 -35.76 3.35
N SER B 163 -10.79 -35.53 2.08
CA SER B 163 -12.16 -35.62 1.58
C SER B 163 -12.64 -37.06 1.59
N LYS B 164 -13.93 -37.26 1.80
N LYS B 164 -13.94 -37.25 1.79
CA LYS B 164 -14.56 -38.57 1.61
CA LYS B 164 -14.57 -38.56 1.61
C LYS B 164 -15.26 -38.65 0.24
C LYS B 164 -15.02 -38.78 0.17
N LEU B 165 -14.88 -37.74 -0.67
CA LEU B 165 -15.48 -37.62 -2.00
C LEU B 165 -14.50 -37.45 -3.15
N GLY B 166 -13.21 -37.53 -2.87
CA GLY B 166 -12.17 -37.37 -3.90
C GLY B 166 -11.79 -35.93 -4.19
N HIS B 167 -12.30 -34.99 -3.40
CA HIS B 167 -11.86 -33.60 -3.57
C HIS B 167 -10.42 -33.39 -3.12
N ASN B 168 -9.69 -32.47 -3.76
CA ASN B 168 -8.38 -32.08 -3.26
C ASN B 168 -8.51 -31.56 -1.83
N PHE C 15 2.89 33.07 5.91
CA PHE C 15 3.45 32.60 4.61
C PHE C 15 2.35 32.30 3.60
N LEU C 16 1.09 32.30 4.05
CA LEU C 16 -0.03 31.95 3.18
C LEU C 16 -0.77 33.18 2.66
N LYS C 17 -1.38 33.05 1.48
CA LYS C 17 -2.10 34.13 0.82
C LYS C 17 -3.55 33.72 0.54
N LYS C 18 -4.36 34.67 0.12
CA LYS C 18 -5.78 34.42 -0.11
C LYS C 18 -6.00 33.63 -1.38
N THR C 19 -5.06 33.74 -2.30
CA THR C 19 -5.04 32.84 -3.45
C THR C 19 -3.62 32.28 -3.55
N MET C 20 -3.50 30.97 -3.71
CA MET C 20 -2.20 30.33 -3.79
C MET C 20 -2.15 29.29 -4.90
N PRO C 21 -1.04 29.27 -5.67
CA PRO C 21 -0.89 28.20 -6.63
C PRO C 21 -0.26 26.97 -5.99
N PHE C 22 -0.41 25.84 -6.65
CA PHE C 22 0.31 24.63 -6.30
C PHE C 22 0.69 23.81 -7.52
N LYS C 23 1.66 22.93 -7.30
CA LYS C 23 2.19 22.05 -8.33
C LYS C 23 2.37 20.69 -7.69
N THR C 24 2.17 19.64 -8.48
CA THR C 24 2.30 18.28 -7.99
C THR C 24 3.07 17.36 -8.95
N THR C 25 3.73 16.37 -8.39
CA THR C 25 4.28 15.25 -9.16
C THR C 25 3.84 13.98 -8.47
N ILE C 26 3.36 13.03 -9.28
CA ILE C 26 2.78 11.78 -8.76
C ILE C 26 3.44 10.63 -9.50
N GLU C 27 3.85 9.61 -8.77
CA GLU C 27 4.39 8.41 -9.37
C GLU C 27 3.73 7.24 -8.69
N GLY C 28 3.33 6.25 -9.47
CA GLY C 28 2.63 5.12 -8.86
C GLY C 28 2.59 3.89 -9.72
N THR C 29 2.11 2.81 -9.10
CA THR C 29 1.82 1.56 -9.77
C THR C 29 0.47 1.08 -9.23
N VAL C 30 -0.47 0.77 -10.11
CA VAL C 30 -1.79 0.24 -9.71
C VAL C 30 -2.04 -1.04 -10.51
N ASN C 31 -2.27 -2.16 -9.81
CA ASN C 31 -2.47 -3.47 -10.48
C ASN C 31 -1.38 -3.77 -11.54
N GLY C 32 -0.14 -3.42 -11.19
CA GLY C 32 1.01 -3.67 -12.06
C GLY C 32 1.26 -2.54 -13.06
N HIS C 33 0.36 -1.56 -13.15
CA HIS C 33 0.50 -0.50 -14.19
C HIS C 33 1.21 0.72 -13.64
N TYR C 34 2.41 0.98 -14.12
CA TYR C 34 3.20 2.14 -13.76
C TYR C 34 2.70 3.39 -14.46
N PHE C 35 2.71 4.51 -13.74
CA PHE C 35 2.31 5.78 -14.34
C PHE C 35 3.00 6.93 -13.62
N LYS C 36 3.09 8.06 -14.31
CA LYS C 36 3.60 9.27 -13.67
C LYS C 36 2.72 10.43 -14.12
N CYS C 37 2.41 11.35 -13.20
CA CYS C 37 1.64 12.56 -13.55
C CYS C 37 2.32 13.82 -13.04
N THR C 38 1.97 14.92 -13.68
CA THR C 38 2.27 16.23 -13.13
C THR C 38 0.94 16.97 -13.04
N GLY C 39 0.92 18.00 -12.21
CA GLY C 39 -0.27 18.81 -12.08
C GLY C 39 0.00 20.22 -11.63
N LYS C 40 -0.98 21.07 -11.93
CA LYS C 40 -0.86 22.48 -11.59
C LYS C 40 -2.25 22.96 -11.22
N GLY C 41 -2.31 23.78 -10.17
CA GLY C 41 -3.60 24.24 -9.66
C GLY C 41 -3.51 25.57 -8.96
N GLU C 42 -4.68 26.05 -8.55
CA GLU C 42 -4.76 27.26 -7.77
C GLU C 42 -5.99 27.16 -6.89
N GLY C 43 -5.92 27.75 -5.70
CA GLY C 43 -7.08 27.77 -4.83
C GLY C 43 -7.06 28.94 -3.87
N ASN C 44 -8.12 29.00 -3.08
CA ASN C 44 -8.30 30.01 -2.07
C ASN C 44 -8.27 29.31 -0.71
N PRO C 45 -7.09 29.29 -0.05
CA PRO C 45 -6.92 28.45 1.14
C PRO C 45 -7.94 28.71 2.24
N PHE C 46 -8.39 29.95 2.37
CA PHE C 46 -9.28 30.32 3.44
C PHE C 46 -10.75 30.11 3.10
N GLU C 47 -11.08 30.15 1.82
CA GLU C 47 -12.43 29.80 1.41
C GLU C 47 -12.62 28.27 1.22
N GLY C 48 -11.51 27.54 1.23
CA GLY C 48 -11.57 26.06 1.11
C GLY C 48 -11.87 25.52 -0.28
N THR C 49 -11.58 26.30 -1.32
CA THR C 49 -11.84 25.90 -2.71
C THR C 49 -10.56 25.82 -3.54
N GLN C 50 -10.53 24.89 -4.48
CA GLN C 50 -9.37 24.73 -5.35
C GLN C 50 -9.71 23.99 -6.61
N GLU C 51 -8.90 24.19 -7.66
CA GLU C 51 -9.07 23.43 -8.86
C GLU C 51 -7.70 23.13 -9.42
N MET C 52 -7.58 21.98 -10.07
CA MET C 52 -6.32 21.63 -10.69
C MET C 52 -6.49 20.82 -11.97
N LYS C 53 -5.43 20.81 -12.77
CA LYS C 53 -5.37 20.06 -14.00
C LYS C 53 -4.26 19.06 -13.77
N ILE C 54 -4.55 17.79 -13.98
CA ILE C 54 -3.57 16.70 -13.86
C ILE C 54 -3.32 16.14 -15.25
N GLU C 55 -2.03 15.99 -15.60
CA GLU C 55 -1.63 15.38 -16.86
C GLU C 55 -0.83 14.10 -16.62
N VAL C 56 -1.22 13.03 -17.31
CA VAL C 56 -0.49 11.77 -17.27
C VAL C 56 0.66 11.87 -18.26
N ILE C 57 1.90 11.79 -17.76
CA ILE C 57 3.09 11.94 -18.59
C ILE C 57 3.83 10.65 -18.94
N GLU C 58 3.58 9.60 -18.16
CA GLU C 58 4.05 8.25 -18.44
C GLU C 58 2.93 7.27 -18.05
N GLY C 59 2.75 6.24 -18.86
CA GLY C 59 1.75 5.20 -18.60
C GLY C 59 0.33 5.53 -19.03
N GLY C 60 0.19 6.58 -19.86
CA GLY C 60 -1.12 6.95 -20.41
C GLY C 60 -1.40 6.22 -21.72
N PRO C 61 -2.69 6.08 -22.10
CA PRO C 61 -3.84 6.46 -21.27
C PRO C 61 -4.00 5.49 -20.09
N LEU C 62 -4.38 6.01 -18.93
CA LEU C 62 -4.58 5.14 -17.75
C LEU C 62 -5.59 4.02 -18.02
N PRO C 63 -5.24 2.77 -17.66
CA PRO C 63 -6.12 1.62 -17.81
C PRO C 63 -7.04 1.38 -16.62
N PHE C 64 -7.28 2.42 -15.83
CA PHE C 64 -8.21 2.35 -14.69
C PHE C 64 -8.86 3.72 -14.49
N ALA C 65 -9.95 3.74 -13.73
CA ALA C 65 -10.68 4.95 -13.43
C ALA C 65 -9.81 5.96 -12.67
N PHE C 66 -9.72 7.18 -13.18
CA PHE C 66 -8.95 8.23 -12.50
C PHE C 66 -9.42 8.47 -11.06
N HIS C 67 -10.69 8.18 -10.81
CA HIS C 67 -11.31 8.45 -9.51
C HIS C 67 -10.52 7.93 -8.33
N ILE C 68 -9.79 6.82 -8.52
CA ILE C 68 -9.04 6.23 -7.39
C ILE C 68 -7.83 7.07 -7.01
N LEU C 69 -7.47 8.03 -7.86
CA LEU C 69 -6.35 8.97 -7.60
C LEU C 69 -6.82 10.31 -7.07
N SER C 70 -8.14 10.54 -7.02
CA SER C 70 -8.70 11.86 -6.67
C SER C 70 -8.16 12.40 -5.33
N THR C 71 -8.10 11.57 -4.30
CA THR C 71 -7.69 12.05 -2.97
C THR C 71 -6.17 12.16 -2.82
N SER C 72 -5.42 11.81 -3.86
CA SER C 72 -3.94 11.87 -3.80
C SER C 72 -3.31 13.02 -4.58
N CYS C 73 -4.09 13.69 -5.41
CA CYS C 73 -3.54 14.73 -6.33
C CYS C 73 -2.78 15.86 -5.61
N1 NRQ D 1 -5.88 16.05 -3.38
N1 NRQ D 1 -5.29 16.57 -3.58
CE NRQ D 1 -7.97 19.06 -6.23
CE NRQ D 1 -7.43 18.34 -6.95
SD NRQ D 1 -7.08 17.97 -5.16
SD NRQ D 1 -8.62 18.75 -5.74
CG1 NRQ D 1 -8.39 17.45 -4.10
CG1 NRQ D 1 -7.83 18.18 -4.27
CB1 NRQ D 1 -8.30 16.02 -3.54
CB1 NRQ D 1 -7.61 16.68 -4.32
CA1 NRQ D 1 -7.03 15.83 -2.74
CA1 NRQ D 1 -6.55 16.32 -3.30
C1 NRQ D 1 -7.04 15.42 -1.31
C1 NRQ D 1 -6.97 15.70 -2.00
N2 NRQ D 1 -8.14 15.15 -0.53
N2 NRQ D 1 -8.25 15.44 -1.72
OH NRQ D 1 -13.30 11.77 2.40
OH NRQ D 1 -11.06 11.22 4.22
CD2 NRQ D 1 -10.75 13.77 0.90
CD2 NRQ D 1 -9.13 13.45 2.22
CE2 NRQ D 1 -11.94 13.08 1.09
CE2 NRQ D 1 -9.51 12.62 3.28
CZ NRQ D 1 -12.21 12.39 2.27
CZ NRQ D 1 -10.76 11.99 3.26
CE1 NRQ D 1 -11.26 12.36 3.28
CE1 NRQ D 1 -11.62 12.18 2.19
CD1 NRQ D 1 -10.08 13.06 3.11
CD1 NRQ D 1 -11.25 13.02 1.13
CG2 NRQ D 1 -9.80 13.74 1.93
CG2 NRQ D 1 -10.00 13.65 1.15
CB2 NRQ D 1 -8.50 14.44 1.87
CB2 NRQ D 1 -9.65 14.53 0.01
CA2 NRQ D 1 -7.67 14.80 0.68
CA2 NRQ D 1 -8.29 14.89 -0.51
C2 NRQ D 1 -6.31 14.88 0.63
C2 NRQ D 1 -6.99 14.83 -0.07
O2 NRQ D 1 -5.51 14.62 1.61
O2 NRQ D 1 -6.59 14.37 1.05
N3 NRQ D 1 -5.90 15.26 -0.57
N3 NRQ D 1 -6.15 15.34 -0.96
CA3 NRQ D 1 -4.48 15.40 -0.97
CA3 NRQ D 1 -4.68 15.40 -0.82
C3 NRQ D 1 -3.98 16.83 -0.95
C3 NRQ D 1 -4.01 16.77 -0.85
O3 NRQ D 1 -2.88 17.06 -1.44
O3 NRQ D 1 -2.80 16.82 -0.63
N SER D 2 -4.84 17.79 -0.62
CA SER D 2 -4.46 19.19 -0.79
C SER D 2 -5.11 19.97 0.36
N LYS D 3 -4.65 19.62 1.56
CA LYS D 3 -5.32 19.94 2.81
C LYS D 3 -5.08 21.37 3.29
N THR D 4 -4.22 22.13 2.61
CA THR D 4 -4.05 23.56 2.94
C THR D 4 -5.31 24.36 2.60
N PHE D 5 -6.18 23.81 1.73
CA PHE D 5 -7.36 24.51 1.23
C PHE D 5 -8.61 23.98 1.92
N ILE D 6 -8.78 24.35 3.19
CA ILE D 6 -9.98 24.00 3.96
C ILE D 6 -10.53 25.25 4.64
N LYS D 7 -11.84 25.44 4.55
CA LYS D 7 -12.49 26.51 5.28
C LYS D 7 -12.86 25.94 6.66
N TYR D 8 -12.18 26.38 7.71
CA TYR D 8 -12.55 25.99 9.08
C TYR D 8 -13.52 27.00 9.70
N VAL D 9 -14.59 26.45 10.28
CA VAL D 9 -15.56 27.27 11.04
C VAL D 9 -15.49 26.95 12.54
N SER D 10 -16.27 27.69 13.33
CA SER D 10 -16.42 27.41 14.76
C SER D 10 -15.14 27.43 15.58
N GLY D 11 -14.14 28.16 15.10
CA GLY D 11 -12.88 28.33 15.83
C GLY D 11 -11.97 27.11 15.81
N ILE D 12 -12.26 26.10 14.97
CA ILE D 12 -11.44 24.91 14.89
C ILE D 12 -10.03 25.30 14.42
N PRO D 13 -8.98 24.96 15.20
CA PRO D 13 -7.61 25.17 14.75
C PRO D 13 -7.27 24.44 13.44
N ASP D 14 -6.36 25.03 12.67
CA ASP D 14 -6.04 24.59 11.32
C ASP D 14 -4.64 23.98 11.36
N TYR D 15 -4.60 22.65 11.50
CA TYR D 15 -3.33 21.93 11.66
C TYR D 15 -2.42 22.18 10.46
N PHE D 16 -3.02 22.28 9.28
CA PHE D 16 -2.29 22.40 8.01
C PHE D 16 -1.69 23.79 7.79
N LYS D 17 -2.51 24.81 7.94
CA LYS D 17 -2.00 26.17 7.81
C LYS D 17 -0.95 26.51 8.87
N GLN D 18 -1.13 26.00 10.11
CA GLN D 18 -0.13 26.17 11.17
C GLN D 18 1.24 25.58 10.86
N SER D 19 1.30 24.66 9.90
CA SER D 19 2.54 23.91 9.67
C SER D 19 3.56 24.62 8.77
N PHE D 20 3.17 25.75 8.17
CA PHE D 20 4.09 26.50 7.33
C PHE D 20 5.06 27.42 8.11
N PRO D 21 6.27 27.71 7.57
CA PRO D 21 6.77 27.41 6.22
C PRO D 21 7.25 25.95 6.01
N GLU D 22 7.44 25.20 7.09
CA GLU D 22 8.00 23.84 7.00
C GLU D 22 7.15 22.89 6.14
N GLY D 23 5.84 22.87 6.36
CA GLY D 23 4.94 21.98 5.63
C GLY D 23 4.48 20.79 6.45
N PHE D 24 4.03 19.77 5.75
CA PHE D 24 3.50 18.58 6.42
C PHE D 24 3.53 17.39 5.48
N THR D 25 3.30 16.21 6.03
CA THR D 25 3.13 15.04 5.18
C THR D 25 1.80 14.35 5.52
N TRP D 26 1.37 13.46 4.65
CA TRP D 26 0.28 12.53 4.99
C TRP D 26 0.51 11.19 4.39
N GLU D 27 -0.09 10.17 5.01
CA GLU D 27 0.00 8.79 4.58
C GLU D 27 -1.39 8.19 4.69
N ARG D 28 -1.77 7.34 3.74
CA ARG D 28 -3.14 6.86 3.69
C ARG D 28 -3.22 5.49 3.06
N THR D 29 -4.09 4.64 3.61
CA THR D 29 -4.55 3.46 2.87
C THR D 29 -6.08 3.54 2.72
N THR D 30 -6.55 3.35 1.50
CA THR D 30 -7.96 3.30 1.19
C THR D 30 -8.33 1.87 0.84
N THR D 31 -9.29 1.32 1.57
N THR D 31 -9.32 1.32 1.54
CA THR D 31 -9.76 -0.03 1.30
CA THR D 31 -9.77 -0.05 1.29
C THR D 31 -11.08 0.07 0.53
C THR D 31 -11.17 -0.11 0.62
N TYR D 32 -11.20 -0.64 -0.59
CA TYR D 32 -12.46 -0.69 -1.35
C TYR D 32 -13.27 -1.94 -0.99
N GLU D 33 -14.59 -1.83 -1.02
CA GLU D 33 -15.46 -2.93 -0.59
C GLU D 33 -15.36 -4.18 -1.49
N ASP D 34 -14.84 -4.03 -2.71
CA ASP D 34 -14.66 -5.17 -3.65
C ASP D 34 -13.21 -5.69 -3.72
N GLY D 35 -12.37 -5.24 -2.80
CA GLY D 35 -11.07 -5.87 -2.59
C GLY D 35 -9.86 -5.03 -2.97
N GLY D 36 -10.06 -3.95 -3.70
CA GLY D 36 -8.93 -3.11 -4.04
C GLY D 36 -8.36 -2.36 -2.83
N PHE D 37 -7.08 -2.06 -2.90
CA PHE D 37 -6.41 -1.16 -1.93
C PHE D 37 -5.68 -0.06 -2.69
N LEU D 38 -5.71 1.16 -2.16
CA LEU D 38 -4.91 2.24 -2.76
C LEU D 38 -4.17 2.91 -1.63
N THR D 39 -2.84 2.81 -1.64
CA THR D 39 -2.02 3.39 -0.59
C THR D 39 -1.22 4.57 -1.16
N ALA D 40 -1.10 5.66 -0.39
CA ALA D 40 -0.34 6.80 -0.87
C ALA D 40 0.45 7.45 0.25
N HIS D 41 1.53 8.12 -0.14
CA HIS D 41 2.34 8.97 0.76
C HIS D 41 2.54 10.29 0.06
N GLN D 42 2.42 11.39 0.81
CA GLN D 42 2.55 12.71 0.21
C GLN D 42 3.39 13.65 1.09
N ASP D 43 4.24 14.45 0.44
CA ASP D 43 4.95 15.53 1.11
C ASP D 43 4.42 16.86 0.58
N THR D 44 4.16 17.79 1.49
CA THR D 44 3.70 19.13 1.13
C THR D 44 4.74 20.12 1.65
N SER D 45 5.27 20.93 0.73
CA SER D 45 6.23 21.98 1.08
C SER D 45 5.83 23.29 0.41
N LEU D 46 6.51 24.37 0.78
CA LEU D 46 6.24 25.67 0.22
C LEU D 46 7.54 26.18 -0.42
N ASP D 47 7.54 26.35 -1.74
CA ASP D 47 8.68 26.84 -2.51
C ASP D 47 8.39 28.26 -2.94
N GLY D 48 8.92 29.21 -2.16
CA GLY D 48 8.60 30.62 -2.38
C GLY D 48 7.12 30.86 -2.15
N ASP D 49 6.39 31.09 -3.24
CA ASP D 49 4.98 31.43 -3.19
C ASP D 49 4.08 30.28 -3.63
N CYS D 50 4.70 29.17 -4.00
CA CYS D 50 3.98 28.03 -4.58
C CYS D 50 4.04 26.80 -3.67
N LEU D 51 2.87 26.20 -3.41
CA LEU D 51 2.78 24.91 -2.70
C LEU D 51 3.25 23.81 -3.63
N VAL D 52 4.03 22.86 -3.12
CA VAL D 52 4.59 21.77 -3.93
C VAL D 52 4.25 20.42 -3.28
N TYR D 53 3.59 19.56 -4.04
CA TYR D 53 3.23 18.22 -3.58
C TYR D 53 4.07 17.17 -4.28
N LYS D 54 4.53 16.16 -3.53
CA LYS D 54 5.24 15.02 -4.10
C LYS D 54 4.51 13.78 -3.61
N VAL D 55 3.99 12.97 -4.53
CA VAL D 55 3.09 11.85 -4.18
C VAL D 55 3.61 10.51 -4.69
N LYS D 56 3.56 9.49 -3.84
CA LYS D 56 3.88 8.11 -4.20
C LYS D 56 2.64 7.25 -3.97
N ILE D 57 2.29 6.39 -4.94
CA ILE D 57 1.04 5.59 -4.91
C ILE D 57 1.31 4.13 -5.21
N LEU D 58 0.68 3.24 -4.44
CA LEU D 58 0.71 1.83 -4.73
C LEU D 58 -0.69 1.31 -4.59
N GLY D 59 -1.28 0.82 -5.67
CA GLY D 59 -2.64 0.25 -5.66
C GLY D 59 -2.63 -1.19 -6.10
N ASN D 60 -3.52 -2.01 -5.56
CA ASN D 60 -3.48 -3.45 -5.83
C ASN D 60 -4.80 -4.11 -5.59
N ASN D 61 -4.93 -5.32 -6.12
CA ASN D 61 -6.09 -6.17 -5.85
C ASN D 61 -7.43 -5.65 -6.36
N PHE D 62 -7.38 -4.69 -7.27
CA PHE D 62 -8.65 -4.24 -7.86
C PHE D 62 -9.18 -5.34 -8.77
N PRO D 63 -10.47 -5.71 -8.66
CA PRO D 63 -10.96 -6.81 -9.53
C PRO D 63 -10.93 -6.42 -11.00
N ALA D 64 -10.52 -7.36 -11.87
CA ALA D 64 -10.39 -7.07 -13.27
C ALA D 64 -11.73 -6.65 -13.88
N ASP D 65 -12.81 -7.21 -13.34
CA ASP D 65 -14.18 -7.01 -13.84
C ASP D 65 -14.94 -5.88 -13.14
N GLY D 66 -14.26 -5.20 -12.23
CA GLY D 66 -14.88 -4.15 -11.44
C GLY D 66 -14.88 -2.77 -12.10
N PRO D 67 -15.66 -1.83 -11.54
CA PRO D 67 -15.76 -0.50 -12.17
C PRO D 67 -14.42 0.23 -12.33
N VAL D 68 -13.48 0.00 -11.41
CA VAL D 68 -12.23 0.72 -11.44
C VAL D 68 -11.36 0.24 -12.63
N MET D 69 -11.09 -1.05 -12.71
CA MET D 69 -10.25 -1.53 -13.81
C MET D 69 -10.94 -1.54 -15.18
N GLN D 70 -12.27 -1.56 -15.18
CA GLN D 70 -13.05 -1.39 -16.42
C GLN D 70 -13.15 0.06 -16.84
N ASN D 71 -12.79 0.98 -15.95
CA ASN D 71 -12.87 2.43 -16.23
C ASN D 71 -14.33 2.78 -16.54
N LYS D 72 -15.22 2.28 -15.69
CA LYS D 72 -16.67 2.46 -15.82
C LYS D 72 -17.17 2.88 -14.47
N ALA D 73 -16.53 3.93 -13.95
CA ALA D 73 -16.97 4.60 -12.76
C ALA D 73 -17.77 5.86 -13.15
N GLY D 74 -18.59 6.33 -12.24
CA GLY D 74 -19.40 7.50 -12.47
C GLY D 74 -18.76 8.72 -11.83
N ARG D 75 -19.06 8.94 -10.56
CA ARG D 75 -18.55 10.13 -9.86
C ARG D 75 -18.56 9.88 -8.36
N TRP D 76 -17.76 10.68 -7.63
CA TRP D 76 -17.73 10.60 -6.18
C TRP D 76 -18.89 11.39 -5.57
N GLU D 77 -19.61 10.76 -4.66
CA GLU D 77 -20.46 11.54 -3.78
C GLU D 77 -19.56 12.40 -2.89
N PRO D 78 -20.14 13.47 -2.32
CA PRO D 78 -19.39 14.21 -1.30
C PRO D 78 -19.17 13.27 -0.10
N SER D 79 -18.17 13.56 0.70
CA SER D 79 -17.84 12.70 1.83
C SER D 79 -17.54 13.52 3.06
N THR D 80 -17.57 12.83 4.20
CA THR D 80 -17.26 13.44 5.46
C THR D 80 -16.24 12.61 6.24
N GLU D 81 -15.11 13.26 6.56
CA GLU D 81 -14.00 12.65 7.28
C GLU D 81 -14.13 13.02 8.78
N ILE D 82 -13.86 12.07 9.67
CA ILE D 82 -13.67 12.39 11.08
C ILE D 82 -12.15 12.57 11.32
N VAL D 83 -11.80 13.62 12.06
CA VAL D 83 -10.39 13.99 12.25
C VAL D 83 -10.16 14.24 13.74
N TYR D 84 -9.11 13.63 14.30
CA TYR D 84 -8.86 13.70 15.74
C TYR D 84 -7.40 13.37 16.01
N GLU D 85 -6.90 13.80 17.16
CA GLU D 85 -5.51 13.60 17.55
C GLU D 85 -5.26 12.19 18.05
N VAL D 86 -4.19 11.59 17.53
CA VAL D 86 -3.68 10.30 18.00
C VAL D 86 -2.16 10.38 17.94
N ASP D 87 -1.47 9.85 18.94
CA ASP D 87 0.01 9.75 18.91
C ASP D 87 0.69 11.13 18.67
N GLY D 88 0.07 12.22 19.15
CA GLY D 88 0.62 13.57 18.94
C GLY D 88 0.54 14.11 17.51
N VAL D 89 -0.18 13.41 16.63
CA VAL D 89 -0.41 13.87 15.26
C VAL D 89 -1.91 13.73 14.96
N LEU D 90 -2.34 13.86 13.70
CA LEU D 90 -3.76 13.77 13.39
C LEU D 90 -4.09 12.53 12.62
N ARG D 91 -5.15 11.86 13.05
CA ARG D 91 -5.75 10.76 12.30
C ARG D 91 -7.02 11.22 11.61
N GLY D 92 -7.24 10.73 10.40
CA GLY D 92 -8.53 10.90 9.75
C GLY D 92 -9.06 9.56 9.27
N GLN D 93 -10.39 9.43 9.29
CA GLN D 93 -11.04 8.31 8.59
C GLN D 93 -12.28 8.81 7.88
N SER D 94 -12.58 8.21 6.72
CA SER D 94 -13.83 8.54 6.01
C SER D 94 -14.34 7.38 5.21
N LEU D 95 -15.64 7.42 4.94
CA LEU D 95 -16.25 6.54 3.96
C LEU D 95 -16.52 7.36 2.71
N MET D 96 -16.06 6.88 1.57
CA MET D 96 -16.38 7.50 0.26
C MET D 96 -17.20 6.50 -0.57
N ALA D 97 -18.00 7.04 -1.49
CA ALA D 97 -18.91 6.24 -2.32
C ALA D 97 -18.83 6.71 -3.76
N LEU D 98 -18.38 5.79 -4.60
CA LEU D 98 -18.27 6.03 -6.03
C LEU D 98 -19.54 5.56 -6.71
N LYS D 99 -20.32 6.50 -7.24
CA LYS D 99 -21.49 6.13 -8.00
C LYS D 99 -21.02 5.45 -9.28
N CYS D 100 -21.67 4.36 -9.63
CA CYS D 100 -21.29 3.59 -10.81
C CYS D 100 -22.55 3.17 -11.55
N PRO D 101 -22.43 2.94 -12.85
CA PRO D 101 -23.52 2.40 -13.65
C PRO D 101 -24.30 1.26 -12.98
N GLY D 102 -25.61 1.22 -13.25
CA GLY D 102 -26.49 0.19 -12.73
C GLY D 102 -27.03 0.50 -11.35
N GLY D 103 -26.93 1.78 -10.95
CA GLY D 103 -27.44 2.23 -9.65
C GLY D 103 -26.55 1.76 -8.50
N ARG D 104 -25.30 1.43 -8.81
CA ARG D 104 -24.39 0.87 -7.82
C ARG D 104 -23.66 2.01 -7.10
N HIS D 105 -23.39 1.81 -5.81
CA HIS D 105 -22.36 2.60 -5.15
C HIS D 105 -21.24 1.69 -4.69
N LEU D 106 -20.02 2.00 -5.13
CA LEU D 106 -18.86 1.26 -4.71
C LEU D 106 -18.18 2.08 -3.62
N THR D 107 -18.25 1.56 -2.40
CA THR D 107 -17.73 2.31 -1.27
C THR D 107 -16.32 1.91 -0.85
N CYS D 108 -15.68 2.81 -0.12
CA CYS D 108 -14.35 2.60 0.38
C CYS D 108 -14.13 3.31 1.71
N HIS D 109 -13.07 2.93 2.42
CA HIS D 109 -12.78 3.42 3.76
C HIS D 109 -11.35 3.94 3.77
N LEU D 110 -11.16 5.24 4.05
CA LEU D 110 -9.85 5.91 4.08
C LEU D 110 -9.34 5.91 5.51
N HIS D 111 -8.07 5.54 5.67
CA HIS D 111 -7.37 5.59 6.96
C HIS D 111 -6.14 6.44 6.78
N THR D 112 -6.12 7.62 7.39
CA THR D 112 -5.09 8.61 7.11
C THR D 112 -4.34 9.03 8.38
N THR D 113 -3.03 9.32 8.27
CA THR D 113 -2.28 10.03 9.31
C THR D 113 -1.70 11.29 8.66
N TYR D 114 -1.93 12.44 9.31
CA TYR D 114 -1.35 13.73 8.89
C TYR D 114 -0.26 14.12 9.89
N ARG D 115 0.92 14.46 9.38
CA ARG D 115 2.10 14.76 10.22
C ARG D 115 2.69 16.14 9.90
N SER D 116 2.49 17.09 10.80
CA SER D 116 3.16 18.39 10.70
C SER D 116 4.69 18.24 10.76
N LYS D 117 5.41 19.12 10.07
CA LYS D 117 6.87 19.17 10.20
C LYS D 117 7.31 20.07 11.35
N LYS D 118 6.36 20.79 11.94
CA LYS D 118 6.62 21.52 13.19
C LYS D 118 6.48 20.57 14.37
N PRO D 119 7.20 20.83 15.47
CA PRO D 119 7.00 19.98 16.66
C PRO D 119 5.60 20.17 17.24
N ALA D 120 5.06 19.11 17.84
CA ALA D 120 3.68 19.17 18.36
C ALA D 120 3.50 20.27 19.39
N SER D 121 4.61 20.67 20.01
CA SER D 121 4.61 21.76 20.99
C SER D 121 4.50 23.15 20.37
N ALA D 122 4.67 23.27 19.05
CA ALA D 122 4.54 24.56 18.35
C ALA D 122 3.12 24.74 17.75
N LEU D 123 2.24 23.79 18.05
CA LEU D 123 0.96 23.66 17.36
C LEU D 123 -0.22 23.72 18.30
N LYS D 124 -1.32 24.26 17.82
CA LYS D 124 -2.57 24.21 18.55
C LYS D 124 -3.43 23.13 17.91
N MET D 125 -3.58 22.01 18.61
CA MET D 125 -4.24 20.84 18.04
C MET D 125 -5.76 20.98 18.04
N PRO D 126 -6.41 20.64 16.91
CA PRO D 126 -7.87 20.67 16.87
C PRO D 126 -8.50 19.49 17.60
N GLY D 127 -9.64 19.74 18.25
CA GLY D 127 -10.44 18.65 18.83
C GLY D 127 -11.11 17.82 17.72
N PHE D 128 -11.77 16.76 18.13
CA PHE D 128 -12.49 15.91 17.17
C PHE D 128 -13.48 16.75 16.36
N HIS D 129 -13.46 16.57 15.04
CA HIS D 129 -14.36 17.33 14.17
C HIS D 129 -14.54 16.62 12.83
N PHE D 130 -15.38 17.20 11.98
CA PHE D 130 -15.67 16.68 10.65
C PHE D 130 -15.03 17.54 9.61
N GLU D 131 -14.58 16.91 8.54
CA GLU D 131 -14.14 17.66 7.35
C GLU D 131 -14.92 17.15 6.12
N ASP D 132 -15.85 17.97 5.63
CA ASP D 132 -16.65 17.65 4.43
C ASP D 132 -15.76 17.91 3.20
N HIS D 133 -15.76 16.98 2.25
CA HIS D 133 -15.02 17.15 0.99
C HIS D 133 -15.94 16.91 -0.19
N ARG D 134 -16.06 17.92 -1.05
CA ARG D 134 -16.79 17.78 -2.31
C ARG D 134 -15.72 17.71 -3.40
N ILE D 135 -15.55 16.54 -4.01
CA ILE D 135 -14.54 16.33 -5.06
C ILE D 135 -15.25 16.07 -6.36
N GLU D 136 -14.96 16.88 -7.38
CA GLU D 136 -15.63 16.75 -8.67
C GLU D 136 -14.65 16.75 -9.82
N ILE D 137 -14.78 15.78 -10.71
CA ILE D 137 -14.08 15.84 -12.00
C ILE D 137 -14.87 16.78 -12.88
N MET D 138 -14.30 17.95 -13.13
CA MET D 138 -14.94 19.00 -13.91
C MET D 138 -14.90 18.70 -15.40
N GLU D 139 -13.84 18.04 -15.85
CA GLU D 139 -13.76 17.58 -17.24
C GLU D 139 -12.64 16.57 -17.44
N GLU D 140 -12.93 15.63 -18.32
CA GLU D 140 -11.94 14.70 -18.80
C GLU D 140 -11.52 15.34 -20.11
N VAL D 141 -10.45 16.11 -20.03
CA VAL D 141 -9.93 16.86 -21.17
C VAL D 141 -9.46 15.89 -22.26
N GLU D 142 -8.70 14.86 -21.85
CA GLU D 142 -8.25 13.84 -22.78
C GLU D 142 -8.40 12.49 -22.10
N LYS D 143 -9.13 11.60 -22.76
CA LYS D 143 -9.37 10.24 -22.27
C LYS D 143 -8.09 9.60 -21.72
N GLY D 144 -8.10 9.33 -20.42
CA GLY D 144 -7.01 8.66 -19.73
C GLY D 144 -5.71 9.43 -19.57
N LYS D 145 -5.72 10.72 -19.94
CA LYS D 145 -4.47 11.51 -20.00
C LYS D 145 -4.53 12.90 -19.35
N CYS D 146 -5.69 13.54 -19.34
CA CYS D 146 -5.78 14.88 -18.79
C CYS D 146 -7.12 15.13 -18.11
N TYR D 147 -7.07 15.50 -16.83
N TYR D 147 -7.07 15.58 -16.86
CA TYR D 147 -8.26 15.71 -16.02
CA TYR D 147 -8.23 15.64 -15.98
C TYR D 147 -8.22 17.06 -15.34
C TYR D 147 -8.25 16.95 -15.19
N LYS D 148 -9.42 17.60 -15.10
CA LYS D 148 -9.56 18.79 -14.29
C LYS D 148 -10.42 18.41 -13.09
N GLN D 149 -9.96 18.74 -11.88
CA GLN D 149 -10.63 18.34 -10.67
C GLN D 149 -10.79 19.51 -9.71
N TYR D 150 -12.02 19.67 -9.22
CA TYR D 150 -12.39 20.69 -8.25
C TYR D 150 -12.54 20.04 -6.86
N GLU D 151 -12.18 20.77 -5.81
CA GLU D 151 -12.54 20.38 -4.43
C GLU D 151 -12.95 21.59 -3.60
N ALA D 152 -13.99 21.40 -2.80
CA ALA D 152 -14.38 22.34 -1.75
C ALA D 152 -14.39 21.54 -0.44
N ALA D 153 -13.78 22.14 0.59
CA ALA D 153 -13.67 21.45 1.88
C ALA D 153 -13.97 22.37 3.05
N VAL D 154 -14.68 21.82 4.05
CA VAL D 154 -15.08 22.57 5.23
C VAL D 154 -14.81 21.75 6.48
N GLY D 155 -14.11 22.35 7.44
CA GLY D 155 -13.88 21.74 8.77
C GLY D 155 -14.91 22.31 9.74
N ARG D 156 -15.68 21.43 10.40
CA ARG D 156 -16.84 21.88 11.20
C ARG D 156 -17.18 20.85 12.27
N TYR D 157 -18.08 21.25 13.17
CA TYR D 157 -18.74 20.32 14.09
C TYR D 157 -20.11 19.88 13.52
N CYS D 158 -20.78 18.96 14.20
CA CYS D 158 -22.14 18.53 13.82
C CYS D 158 -23.14 19.59 14.30
N ASP D 159 -23.34 20.61 13.47
CA ASP D 159 -24.28 21.69 13.80
C ASP D 159 -25.75 21.31 13.61
N ALA D 160 -26.03 20.30 12.79
CA ALA D 160 -27.43 19.99 12.46
C ALA D 160 -28.14 19.32 13.63
N ALA D 161 -27.38 18.56 14.43
CA ALA D 161 -27.95 17.81 15.53
C ALA D 161 -27.18 18.17 16.79
N PRO D 162 -27.62 19.20 17.52
CA PRO D 162 -26.87 19.70 18.66
C PRO D 162 -26.94 18.84 19.92
N SER D 163 -25.90 19.00 20.74
CA SER D 163 -25.78 18.35 22.03
C SER D 163 -26.76 18.97 23.04
N LYS D 164 -27.15 18.18 24.03
CA LYS D 164 -27.87 18.68 25.20
C LYS D 164 -26.97 18.70 26.43
N LEU D 165 -25.68 18.51 26.22
CA LEU D 165 -24.70 18.42 27.31
C LEU D 165 -23.52 19.39 27.13
N GLY D 166 -23.63 20.32 26.18
CA GLY D 166 -22.58 21.31 25.92
C GLY D 166 -21.40 20.85 25.07
N HIS D 167 -21.50 19.65 24.49
CA HIS D 167 -20.46 19.12 23.63
C HIS D 167 -20.46 19.71 22.23
N ASN D 168 -19.28 19.80 21.62
CA ASN D 168 -19.18 20.18 20.23
C ASN D 168 -19.98 19.19 19.40
CL CL E . -9.74 -24.50 -8.04
#